data_4YQQ
#
_entry.id   4YQQ
#
_cell.length_a   94.390
_cell.length_b   94.390
_cell.length_c   178.917
_cell.angle_alpha   90.000
_cell.angle_beta   90.000
_cell.angle_gamma   120.000
#
_symmetry.space_group_name_H-M   'H 3 2'
#
loop_
_entity.id
_entity.type
_entity.pdbx_description
1 polymer 'tRNA (guanine-N(1)-)-methyltransferase'
2 non-polymer 6-{[2-(4-methylpiperazin-1-yl)benzyl]amino}pyridine-3-carboxamide
3 water water
#
_entity_poly.entity_id   1
_entity_poly.type   'polypeptide(L)'
_entity_poly.pdbx_seq_one_letter_code
;GLVPRGSHMWIGVISLFPEMFKAITEFGVTGRAVKHNLLKVECWNPRDFTFDKHKTVDDRPYGGGPGMLMMVQPLRDAIH
TAKAAAGEGAKVIYLSPQGRKLDQGGVTELAQNQKLILVCGRYEGIDERLIQTEIDEEWSIGDYVLTGGELPAMTLIDAV
ARFIPGVLGKQASAEEDSFADGLLDCPHYTRPEVLEGLTVPPVLMSGHHEEIRKWRLKQSLQRTWLRRPELLEGLALTDE
QRKLLKEAQAEHNS
;
_entity_poly.pdbx_strand_id   A
#
# COMPACT_ATOMS: atom_id res chain seq x y z
C GLY A 6 -13.70 12.35 -9.00
N SER A 7 -13.35 11.25 -8.36
CA SER A 7 -13.65 11.08 -6.94
C SER A 7 -12.45 11.43 -6.08
N HIS A 8 -12.42 12.68 -5.63
CA HIS A 8 -11.46 13.17 -4.65
C HIS A 8 -11.30 12.15 -3.52
N MET A 9 -10.09 12.05 -2.97
CA MET A 9 -9.89 11.24 -1.80
C MET A 9 -9.23 12.10 -0.74
N TRP A 10 -9.70 11.98 0.49
CA TRP A 10 -9.11 12.72 1.61
C TRP A 10 -8.49 11.76 2.60
N ILE A 11 -7.23 11.99 2.97
CA ILE A 11 -6.61 11.13 3.95
C ILE A 11 -6.02 11.95 5.08
N GLY A 12 -6.54 11.71 6.28
CA GLY A 12 -5.99 12.33 7.46
C GLY A 12 -4.92 11.42 8.02
N VAL A 13 -3.84 11.99 8.53
CA VAL A 13 -2.75 11.19 9.06
C VAL A 13 -2.42 11.64 10.46
N ILE A 14 -2.24 10.69 11.38
CA ILE A 14 -1.80 11.04 12.74
C ILE A 14 -0.39 10.52 12.88
N SER A 15 0.59 11.41 13.07
CA SER A 15 2.00 11.00 13.08
C SER A 15 2.88 11.96 13.85
N LEU A 16 3.82 11.42 14.62
CA LEU A 16 4.87 12.22 15.26
C LEU A 16 5.90 12.77 14.27
N PHE A 17 5.88 12.26 13.04
CA PHE A 17 6.83 12.72 12.01
C PHE A 17 6.12 13.06 10.71
N PRO A 18 5.26 14.09 10.73
CA PRO A 18 4.46 14.46 9.55
CA PRO A 18 4.47 14.45 9.55
C PRO A 18 5.33 14.79 8.33
N GLU A 19 6.54 15.27 8.55
CA GLU A 19 7.37 15.67 7.41
C GLU A 19 7.77 14.47 6.54
N MET A 20 7.72 13.26 7.09
CA MET A 20 7.98 12.07 6.25
C MET A 20 7.03 12.00 5.06
N PHE A 21 5.81 12.52 5.24
CA PHE A 21 4.79 12.38 4.21
C PHE A 21 5.05 13.27 2.99
N LYS A 22 6.01 14.19 3.11
CA LYS A 22 6.47 14.92 1.94
C LYS A 22 6.94 13.96 0.85
N ALA A 23 7.40 12.78 1.26
CA ALA A 23 7.89 11.81 0.28
C ALA A 23 6.80 11.43 -0.70
N ILE A 24 5.54 11.41 -0.25
CA ILE A 24 4.49 11.10 -1.23
C ILE A 24 3.77 12.36 -1.72
N THR A 25 3.71 13.43 -0.91
CA THR A 25 2.92 14.60 -1.36
C THR A 25 3.67 15.56 -2.27
N GLU A 26 5.00 15.44 -2.34
CA GLU A 26 5.79 16.40 -3.13
C GLU A 26 6.44 15.82 -4.40
N PHE A 27 6.30 14.51 -4.61
CA PHE A 27 7.00 13.83 -5.71
C PHE A 27 6.14 12.85 -6.50
N GLY A 28 6.44 12.74 -7.78
CA GLY A 28 5.91 11.68 -8.61
C GLY A 28 4.42 11.77 -8.85
N VAL A 29 3.82 10.61 -9.10
CA VAL A 29 2.40 10.50 -9.40
C VAL A 29 1.53 10.96 -8.23
N THR A 30 1.90 10.61 -7.00
CA THR A 30 1.13 11.02 -5.83
C THR A 30 1.28 12.53 -5.62
N GLY A 31 2.48 13.05 -5.89
CA GLY A 31 2.71 14.48 -5.80
C GLY A 31 1.82 15.24 -6.78
N ARG A 32 1.68 14.70 -7.98
CA ARG A 32 0.81 15.32 -8.98
C ARG A 32 -0.64 15.28 -8.51
N ALA A 33 -1.06 14.13 -7.99
CA ALA A 33 -2.43 13.98 -7.47
C ALA A 33 -2.73 15.04 -6.41
N VAL A 34 -1.75 15.31 -5.55
CA VAL A 34 -1.95 16.31 -4.49
C VAL A 34 -2.03 17.71 -5.10
N LYS A 35 -1.10 18.04 -5.99
CA LYS A 35 -1.10 19.38 -6.60
C LYS A 35 -2.39 19.63 -7.37
N HIS A 36 -2.92 18.60 -8.00
CA HIS A 36 -4.15 18.73 -8.80
C HIS A 36 -5.44 18.54 -7.99
N ASN A 37 -5.30 18.47 -6.67
CA ASN A 37 -6.45 18.36 -5.76
C ASN A 37 -7.26 17.08 -5.92
N LEU A 38 -6.62 16.02 -6.42
CA LEU A 38 -7.30 14.73 -6.53
C LEU A 38 -7.16 13.96 -5.23
N LEU A 39 -6.04 14.22 -4.55
CA LEU A 39 -5.72 13.60 -3.28
C LEU A 39 -5.37 14.70 -2.29
N LYS A 40 -5.97 14.64 -1.11
CA LYS A 40 -5.60 15.57 -0.05
C LYS A 40 -5.06 14.78 1.13
N VAL A 41 -3.89 15.17 1.63
CA VAL A 41 -3.30 14.50 2.76
C VAL A 41 -3.10 15.55 3.84
N GLU A 42 -3.74 15.33 4.99
CA GLU A 42 -3.70 16.31 6.07
C GLU A 42 -3.13 15.62 7.31
N CYS A 43 -2.12 16.22 7.95
CA CYS A 43 -1.47 15.55 9.09
C CYS A 43 -1.70 16.29 10.40
N TRP A 44 -1.87 15.50 11.47
CA TRP A 44 -1.90 16.03 12.83
C TRP A 44 -0.82 15.33 13.64
N ASN A 45 -0.08 16.10 14.43
CA ASN A 45 1.06 15.57 15.20
C ASN A 45 0.67 15.58 16.67
N PRO A 46 0.63 14.40 17.33
CA PRO A 46 0.31 14.37 18.76
C PRO A 46 1.18 15.33 19.59
N ARG A 47 2.41 15.61 19.17
CA ARG A 47 3.23 16.56 19.93
C ARG A 47 2.54 17.92 20.08
N ASP A 48 1.72 18.29 19.10
CA ASP A 48 1.04 19.57 19.15
C ASP A 48 -0.13 19.60 20.12
N PHE A 49 -0.50 18.42 20.62
CA PHE A 49 -1.63 18.30 21.54
C PHE A 49 -1.17 18.03 22.97
N THR A 50 0.13 18.19 23.21
CA THR A 50 0.67 18.07 24.57
C THR A 50 0.54 19.39 25.34
N PHE A 51 0.59 19.29 26.66
CA PHE A 51 0.49 20.50 27.48
C PHE A 51 1.68 20.69 28.41
N ASP A 52 2.54 19.67 28.56
CA ASP A 52 3.67 19.84 29.47
C ASP A 52 4.83 20.53 28.75
N LYS A 53 5.76 21.05 29.54
CA LYS A 53 6.85 21.85 29.03
C LYS A 53 7.70 21.12 27.98
N HIS A 54 7.85 19.81 28.16
CA HIS A 54 8.71 19.06 27.25
C HIS A 54 7.94 18.28 26.18
N LYS A 55 6.65 18.56 26.04
CA LYS A 55 5.86 18.02 24.93
C LYS A 55 5.98 16.50 24.85
N THR A 56 5.72 15.86 25.97
CA THR A 56 5.91 14.43 26.12
C THR A 56 4.87 13.62 25.36
N VAL A 57 5.32 12.69 24.52
CA VAL A 57 4.38 11.94 23.70
C VAL A 57 4.46 10.45 23.92
N ASP A 58 5.33 10.01 24.85
CA ASP A 58 5.41 8.59 25.18
C ASP A 58 5.05 8.39 26.66
N ASP A 59 4.81 7.15 27.06
CA ASP A 59 4.40 6.84 28.43
C ASP A 59 4.76 5.38 28.73
N ARG A 60 4.85 5.05 30.01
CA ARG A 60 5.30 3.73 30.45
C ARG A 60 4.19 2.68 30.38
N PRO A 61 4.53 1.47 29.93
CA PRO A 61 3.55 0.38 29.90
C PRO A 61 3.24 -0.13 31.30
N TYR A 62 1.97 -0.31 31.63
CA TYR A 62 1.64 -1.08 32.82
C TYR A 62 2.23 -2.47 32.68
N GLY A 63 2.81 -2.96 33.76
CA GLY A 63 3.36 -4.30 33.79
C GLY A 63 4.84 -4.31 33.49
N GLY A 64 5.38 -3.13 33.19
CA GLY A 64 6.80 -3.00 32.93
C GLY A 64 7.19 -3.50 31.55
N GLY A 65 8.49 -3.58 31.32
CA GLY A 65 9.00 -3.93 30.00
C GLY A 65 9.99 -2.91 29.52
N PRO A 66 10.78 -3.27 28.49
CA PRO A 66 11.85 -2.42 27.99
C PRO A 66 11.36 -1.19 27.23
N GLY A 67 10.18 -1.29 26.63
CA GLY A 67 9.71 -0.27 25.72
C GLY A 67 8.73 0.73 26.30
N MET A 68 8.38 1.72 25.48
CA MET A 68 7.39 2.72 25.86
C MET A 68 6.18 2.55 24.95
N LEU A 69 5.09 3.21 25.30
CA LEU A 69 3.93 3.29 24.41
C LEU A 69 3.69 4.75 24.06
N MET A 70 2.91 4.99 23.02
CA MET A 70 2.47 6.36 22.78
CA MET A 70 2.38 6.34 22.74
C MET A 70 1.56 6.80 23.94
N MET A 71 1.78 8.04 24.37
CA MET A 71 0.98 8.59 25.48
C MET A 71 -0.46 8.73 25.02
N VAL A 72 -1.42 8.35 25.86
CA VAL A 72 -2.81 8.32 25.41
C VAL A 72 -3.38 9.70 25.10
N GLN A 73 -3.23 10.67 26.01
CA GLN A 73 -3.99 11.91 25.89
C GLN A 73 -3.65 12.72 24.61
N PRO A 74 -2.37 12.93 24.30
CA PRO A 74 -2.05 13.69 23.07
C PRO A 74 -2.49 12.94 21.81
N LEU A 75 -2.34 11.62 21.80
CA LEU A 75 -2.75 10.83 20.64
C LEU A 75 -4.27 10.85 20.47
N ARG A 76 -4.99 10.63 21.55
CA ARG A 76 -6.44 10.63 21.52
C ARG A 76 -6.97 11.98 21.03
N ASP A 77 -6.39 13.07 21.54
CA ASP A 77 -6.84 14.40 21.15
C ASP A 77 -6.54 14.64 19.65
N ALA A 78 -5.41 14.15 19.17
CA ALA A 78 -5.08 14.33 17.74
C ALA A 78 -6.08 13.57 16.88
N ILE A 79 -6.36 12.33 17.26
CA ILE A 79 -7.35 11.54 16.55
C ILE A 79 -8.72 12.24 16.52
N HIS A 80 -9.18 12.75 17.65
CA HIS A 80 -10.47 13.42 17.70
C HIS A 80 -10.51 14.66 16.79
N THR A 81 -9.39 15.36 16.69
CA THR A 81 -9.32 16.54 15.86
C THR A 81 -9.41 16.16 14.38
N ALA A 82 -8.71 15.09 14.01
CA ALA A 82 -8.74 14.55 12.66
C ALA A 82 -10.16 14.10 12.30
N LYS A 83 -10.83 13.44 13.25
CA LYS A 83 -12.20 12.96 13.00
C LYS A 83 -13.15 14.13 12.80
N ALA A 84 -12.95 15.21 13.56
CA ALA A 84 -13.78 16.39 13.40
C ALA A 84 -13.61 17.02 12.01
N ALA A 85 -12.36 17.08 11.56
CA ALA A 85 -12.04 17.67 10.26
C ALA A 85 -12.59 16.81 9.12
N ALA A 86 -12.61 15.50 9.34
CA ALA A 86 -13.05 14.57 8.30
C ALA A 86 -14.55 14.65 8.09
N GLY A 87 -15.28 14.94 9.17
CA GLY A 87 -16.73 14.93 9.11
C GLY A 87 -17.20 13.50 9.04
N GLU A 88 -18.41 13.30 8.54
CA GLU A 88 -19.03 11.98 8.52
C GLU A 88 -18.39 11.03 7.51
N GLY A 89 -18.36 9.75 7.86
CA GLY A 89 -17.98 8.71 6.92
C GLY A 89 -16.50 8.34 6.80
N ALA A 90 -15.66 8.84 7.69
CA ALA A 90 -14.24 8.49 7.62
C ALA A 90 -13.94 7.20 8.37
N LYS A 91 -13.19 6.32 7.73
CA LYS A 91 -12.76 5.07 8.36
C LYS A 91 -11.39 5.27 8.97
N VAL A 92 -11.24 4.89 10.23
CA VAL A 92 -9.98 5.07 10.94
C VAL A 92 -9.18 3.77 10.93
N ILE A 93 -7.97 3.84 10.37
CA ILE A 93 -7.11 2.68 10.14
C ILE A 93 -5.87 2.77 10.99
N TYR A 94 -5.54 1.67 11.67
CA TYR A 94 -4.29 1.57 12.42
C TYR A 94 -3.35 0.62 11.70
N LEU A 95 -2.14 1.08 11.38
CA LEU A 95 -1.19 0.22 10.69
CA LEU A 95 -1.19 0.22 10.70
C LEU A 95 -0.34 -0.52 11.72
N SER A 96 -0.39 -1.85 11.67
CA SER A 96 0.38 -2.66 12.62
C SER A 96 0.59 -4.06 12.10
N PRO A 97 1.61 -4.76 12.64
CA PRO A 97 1.87 -6.13 12.19
C PRO A 97 0.74 -7.09 12.57
N GLN A 98 -0.09 -6.71 13.54
CA GLN A 98 -1.18 -7.57 14.01
CA GLN A 98 -1.16 -7.60 13.98
C GLN A 98 -2.44 -7.37 13.17
N GLY A 99 -2.35 -6.51 12.16
CA GLY A 99 -3.51 -6.21 11.32
C GLY A 99 -3.74 -7.18 10.18
N ARG A 100 -4.85 -7.00 9.49
CA ARG A 100 -5.18 -7.77 8.30
C ARG A 100 -4.12 -7.55 7.23
N LYS A 101 -3.60 -8.63 6.65
CA LYS A 101 -2.49 -8.46 5.72
C LYS A 101 -2.98 -7.84 4.40
N LEU A 102 -2.38 -6.73 4.02
CA LEU A 102 -2.73 -6.02 2.80
C LEU A 102 -2.36 -6.79 1.53
N ASP A 103 -3.29 -6.90 0.60
CA ASP A 103 -3.00 -7.33 -0.76
C ASP A 103 -3.83 -6.45 -1.71
N GLN A 104 -3.77 -6.71 -3.01
CA GLN A 104 -4.37 -5.77 -3.96
C GLN A 104 -5.91 -5.76 -3.82
N GLY A 105 -6.48 -6.90 -3.47
CA GLY A 105 -7.91 -6.96 -3.19
C GLY A 105 -8.26 -6.05 -2.03
N GLY A 106 -7.40 -6.07 -1.01
CA GLY A 106 -7.58 -5.20 0.15
C GLY A 106 -7.41 -3.73 -0.20
N VAL A 107 -6.45 -3.43 -1.08
CA VAL A 107 -6.26 -2.04 -1.52
C VAL A 107 -7.53 -1.55 -2.23
N THR A 108 -8.10 -2.44 -3.05
CA THR A 108 -9.31 -2.14 -3.80
C THR A 108 -10.47 -1.83 -2.85
N GLU A 109 -10.55 -2.60 -1.77
CA GLU A 109 -11.56 -2.36 -0.74
C GLU A 109 -11.38 -1.00 -0.07
N LEU A 110 -10.15 -0.71 0.34
CA LEU A 110 -9.89 0.52 1.07
C LEU A 110 -10.09 1.73 0.16
N ALA A 111 -9.84 1.53 -1.14
CA ALA A 111 -9.94 2.63 -2.10
C ALA A 111 -11.40 3.06 -2.31
N GLN A 112 -12.35 2.26 -1.84
CA GLN A 112 -13.76 2.61 -2.01
C GLN A 112 -14.16 3.74 -1.06
N ASN A 113 -13.32 4.02 -0.07
CA ASN A 113 -13.58 5.08 0.89
C ASN A 113 -13.12 6.45 0.39
N GLN A 114 -13.99 7.45 0.52
CA GLN A 114 -13.65 8.81 0.14
C GLN A 114 -12.80 9.49 1.22
N LYS A 115 -12.91 9.00 2.45
CA LYS A 115 -12.13 9.53 3.56
C LYS A 115 -11.54 8.42 4.42
N LEU A 116 -10.26 8.56 4.74
CA LEU A 116 -9.57 7.65 5.63
C LEU A 116 -8.78 8.47 6.61
N ILE A 117 -8.63 7.94 7.83
CA ILE A 117 -7.69 8.49 8.80
C ILE A 117 -6.71 7.40 9.15
N LEU A 118 -5.42 7.68 9.00
CA LEU A 118 -4.40 6.66 9.24
C LEU A 118 -3.62 7.00 10.50
N VAL A 119 -3.61 6.08 11.45
CA VAL A 119 -2.92 6.32 12.71
C VAL A 119 -1.58 5.60 12.71
N CYS A 120 -0.50 6.37 12.86
CA CYS A 120 0.86 5.82 12.79
C CYS A 120 1.46 5.63 14.17
N GLY A 121 1.65 4.37 14.54
CA GLY A 121 2.22 4.04 15.83
C GLY A 121 3.74 4.15 15.84
N ARG A 122 4.28 4.57 16.99
CA ARG A 122 5.71 4.57 17.24
C ARG A 122 5.94 3.92 18.62
N TYR A 123 7.20 3.84 19.06
CA TYR A 123 7.53 3.11 20.29
C TYR A 123 7.00 1.67 20.17
N GLU A 124 6.39 1.14 21.22
CA GLU A 124 5.86 -0.22 21.15
C GLU A 124 4.40 -0.23 20.68
N GLY A 125 3.89 0.92 20.28
CA GLY A 125 2.54 1.00 19.74
C GLY A 125 1.62 1.82 20.61
N ILE A 126 0.32 1.50 20.56
CA ILE A 126 -0.66 2.29 21.30
C ILE A 126 -1.48 1.44 22.29
N ASP A 127 -2.06 2.12 23.27
CA ASP A 127 -2.92 1.47 24.27
C ASP A 127 -4.04 0.68 23.60
N GLU A 128 -4.21 -0.57 24.03
CA GLU A 128 -5.18 -1.47 23.43
C GLU A 128 -6.60 -0.90 23.48
N ARG A 129 -6.91 -0.11 24.51
CA ARG A 129 -8.26 0.43 24.66
C ARG A 129 -8.57 1.49 23.61
N LEU A 130 -7.53 2.20 23.15
CA LEU A 130 -7.68 3.14 22.02
C LEU A 130 -8.00 2.43 20.71
N ILE A 131 -7.46 1.23 20.54
CA ILE A 131 -7.82 0.43 19.37
C ILE A 131 -9.31 0.13 19.46
N GLN A 132 -9.77 -0.23 20.64
CA GLN A 132 -11.18 -0.54 20.83
C GLN A 132 -12.06 0.69 20.63
N THR A 133 -11.62 1.84 21.13
CA THR A 133 -12.50 3.01 21.15
C THR A 133 -12.37 3.93 19.93
N GLU A 134 -11.24 3.89 19.23
CA GLU A 134 -11.00 4.87 18.17
C GLU A 134 -10.76 4.26 16.80
N ILE A 135 -10.31 3.02 16.75
CA ILE A 135 -9.89 2.43 15.48
C ILE A 135 -10.98 1.55 14.88
N ASP A 136 -11.19 1.69 13.57
CA ASP A 136 -12.17 0.86 12.88
C ASP A 136 -11.56 -0.45 12.36
N GLU A 137 -10.40 -0.33 11.73
CA GLU A 137 -9.71 -1.49 11.15
C GLU A 137 -8.21 -1.44 11.38
N GLU A 138 -7.61 -2.60 11.67
CA GLU A 138 -6.16 -2.74 11.69
C GLU A 138 -5.68 -3.43 10.41
N TRP A 139 -4.63 -2.89 9.81
CA TRP A 139 -4.05 -3.48 8.59
C TRP A 139 -2.55 -3.58 8.71
N SER A 140 -1.98 -4.65 8.15
CA SER A 140 -0.52 -4.82 8.04
C SER A 140 -0.10 -4.75 6.58
N ILE A 141 1.07 -4.16 6.29
CA ILE A 141 1.55 -4.14 4.91
C ILE A 141 2.41 -5.37 4.60
N GLY A 142 2.67 -6.20 5.61
CA GLY A 142 3.44 -7.42 5.38
C GLY A 142 3.97 -8.01 6.68
N ASP A 143 4.48 -9.24 6.61
CA ASP A 143 4.92 -9.90 7.82
C ASP A 143 6.38 -9.57 8.15
N TYR A 144 6.61 -8.29 8.41
CA TYR A 144 7.94 -7.83 8.85
C TYR A 144 7.77 -6.64 9.78
N VAL A 145 8.84 -6.30 10.48
CA VAL A 145 8.78 -5.33 11.56
C VAL A 145 9.51 -4.04 11.21
N LEU A 146 8.84 -2.90 11.42
CA LEU A 146 9.41 -1.59 11.12
C LEU A 146 9.50 -0.72 12.37
N THR A 147 10.15 0.45 12.24
CA THR A 147 10.31 1.34 13.39
C THR A 147 9.11 2.24 13.64
N GLY A 148 8.17 2.27 12.71
CA GLY A 148 6.99 3.10 12.88
C GLY A 148 5.94 2.81 11.83
N GLY A 149 4.74 3.33 12.04
CA GLY A 149 3.67 3.09 11.08
C GLY A 149 3.63 4.05 9.89
N GLU A 150 4.57 4.98 9.84
CA GLU A 150 4.56 5.98 8.77
C GLU A 150 4.81 5.36 7.37
N LEU A 151 5.83 4.52 7.23
CA LEU A 151 6.08 3.92 5.91
C LEU A 151 4.90 3.04 5.50
N PRO A 152 4.35 2.25 6.45
CA PRO A 152 3.13 1.54 6.04
C PRO A 152 1.99 2.46 5.61
N ALA A 153 1.78 3.57 6.31
CA ALA A 153 0.73 4.52 5.94
C ALA A 153 0.99 5.10 4.55
N MET A 154 2.24 5.47 4.27
CA MET A 154 2.55 6.05 2.97
CA MET A 154 2.63 6.05 2.99
C MET A 154 2.40 5.03 1.87
N THR A 155 2.75 3.79 2.15
CA THR A 155 2.58 2.69 1.21
C THR A 155 1.10 2.53 0.87
N LEU A 156 0.26 2.56 1.89
CA LEU A 156 -1.17 2.42 1.67
C LEU A 156 -1.72 3.60 0.86
N ILE A 157 -1.24 4.81 1.16
CA ILE A 157 -1.72 5.98 0.43
C ILE A 157 -1.37 5.86 -1.05
N ASP A 158 -0.15 5.45 -1.31
CA ASP A 158 0.31 5.32 -2.69
C ASP A 158 -0.56 4.28 -3.42
N ALA A 159 -0.81 3.16 -2.76
CA ALA A 159 -1.56 2.08 -3.38
C ALA A 159 -3.01 2.49 -3.69
N VAL A 160 -3.66 3.19 -2.76
CA VAL A 160 -5.06 3.54 -3.01
C VAL A 160 -5.16 4.72 -3.96
N ALA A 161 -4.13 5.57 -3.99
CA ALA A 161 -4.14 6.72 -4.88
C ALA A 161 -4.23 6.30 -6.36
N ARG A 162 -3.72 5.11 -6.69
CA ARG A 162 -3.77 4.63 -8.07
C ARG A 162 -5.21 4.42 -8.56
N PHE A 163 -6.16 4.41 -7.63
CA PHE A 163 -7.56 4.17 -7.97
C PHE A 163 -8.38 5.44 -8.14
N ILE A 164 -7.77 6.58 -7.84
CA ILE A 164 -8.44 7.86 -8.00
C ILE A 164 -8.47 8.22 -9.47
N PRO A 165 -9.67 8.51 -10.01
CA PRO A 165 -9.76 8.89 -11.43
C PRO A 165 -8.84 10.07 -11.75
N GLY A 166 -8.06 9.94 -12.80
CA GLY A 166 -7.20 11.03 -13.25
C GLY A 166 -5.80 11.02 -12.69
N VAL A 167 -5.55 10.13 -11.73
CA VAL A 167 -4.22 10.04 -11.13
C VAL A 167 -3.25 9.33 -12.07
N LEU A 168 -3.72 8.28 -12.73
CA LEU A 168 -2.90 7.55 -13.70
C LEU A 168 -3.15 8.08 -15.11
N GLY A 169 -2.56 7.40 -16.10
N ASP A 181 -4.84 -8.30 -13.04
CA ASP A 181 -5.67 -9.46 -13.32
C ASP A 181 -5.25 -10.65 -12.46
N GLY A 182 -4.37 -10.40 -11.51
CA GLY A 182 -3.95 -11.44 -10.59
C GLY A 182 -2.65 -12.13 -10.96
N LEU A 183 -2.10 -11.82 -12.13
CA LEU A 183 -0.87 -12.45 -12.59
C LEU A 183 0.33 -11.51 -12.48
N LEU A 184 1.53 -12.09 -12.36
CA LEU A 184 2.76 -11.30 -12.41
C LEU A 184 2.94 -10.70 -13.80
N ASP A 185 3.66 -9.59 -13.90
CA ASP A 185 3.84 -8.93 -15.19
CA ASP A 185 3.85 -8.92 -15.18
C ASP A 185 4.78 -9.70 -16.11
N CYS A 186 4.60 -9.53 -17.42
CA CYS A 186 5.51 -10.13 -18.37
C CYS A 186 6.81 -9.33 -18.38
N PRO A 187 7.88 -9.91 -18.94
CA PRO A 187 9.11 -9.17 -19.20
C PRO A 187 8.88 -8.04 -20.18
N HIS A 188 9.62 -6.94 -20.02
CA HIS A 188 9.50 -5.78 -20.91
C HIS A 188 10.88 -5.46 -21.44
N TYR A 189 10.92 -4.90 -22.64
CA TYR A 189 12.17 -4.58 -23.30
C TYR A 189 12.10 -3.21 -23.93
N THR A 190 13.19 -2.46 -23.88
CA THR A 190 13.26 -1.19 -24.59
C THR A 190 14.65 -1.11 -25.26
N ARG A 191 14.98 0.03 -25.86
CA ARG A 191 16.27 0.16 -26.56
C ARG A 191 17.43 -0.07 -25.59
N PRO A 192 18.54 -0.62 -26.09
CA PRO A 192 18.85 -0.99 -27.47
C PRO A 192 18.41 -2.40 -27.88
N GLU A 193 18.46 -2.70 -29.18
CA GLU A 193 18.05 -4.02 -29.65
C GLU A 193 18.93 -5.12 -29.07
N VAL A 194 20.21 -4.82 -28.87
CA VAL A 194 21.11 -5.79 -28.25
C VAL A 194 21.81 -5.16 -27.06
N LEU A 195 21.72 -5.85 -25.91
CA LEU A 195 22.24 -5.34 -24.65
C LEU A 195 23.13 -6.40 -23.99
N GLU A 196 24.43 -6.15 -23.94
CA GLU A 196 25.40 -7.15 -23.51
C GLU A 196 25.14 -8.51 -24.18
N GLY A 197 24.89 -8.48 -25.49
CA GLY A 197 24.69 -9.70 -26.25
C GLY A 197 23.30 -10.29 -26.18
N LEU A 198 22.46 -9.74 -25.30
CA LEU A 198 21.10 -10.23 -25.10
C LEU A 198 20.13 -9.52 -26.04
N THR A 199 19.35 -10.30 -26.77
CA THR A 199 18.48 -9.74 -27.80
C THR A 199 17.04 -9.60 -27.30
N VAL A 200 16.26 -8.81 -28.02
CA VAL A 200 14.84 -8.69 -27.75
C VAL A 200 14.10 -9.82 -28.48
N PRO A 201 13.13 -10.46 -27.79
CA PRO A 201 12.27 -11.47 -28.45
C PRO A 201 11.70 -10.95 -29.77
N PRO A 202 11.96 -11.65 -30.87
CA PRO A 202 11.55 -11.21 -32.21
C PRO A 202 10.07 -10.90 -32.31
N VAL A 203 9.22 -11.63 -31.58
CA VAL A 203 7.79 -11.35 -31.61
C VAL A 203 7.50 -9.89 -31.28
N LEU A 204 8.24 -9.32 -30.32
CA LEU A 204 7.99 -7.94 -29.89
C LEU A 204 8.35 -6.91 -30.98
N MET A 205 9.12 -7.32 -31.98
CA MET A 205 9.45 -6.39 -33.05
CA MET A 205 9.53 -6.47 -33.09
C MET A 205 8.68 -6.71 -34.32
N SER A 206 7.82 -7.72 -34.26
CA SER A 206 7.03 -8.15 -35.42
C SER A 206 5.90 -7.20 -35.80
N GLY A 207 5.47 -6.38 -34.86
CA GLY A 207 4.33 -5.51 -35.08
C GLY A 207 2.99 -6.24 -35.13
N HIS A 208 3.00 -7.55 -34.86
CA HIS A 208 1.76 -8.33 -34.88
C HIS A 208 1.07 -8.25 -33.52
N HIS A 209 0.11 -7.35 -33.39
CA HIS A 209 -0.49 -7.03 -32.10
C HIS A 209 -1.04 -8.23 -31.35
N GLU A 210 -1.73 -9.13 -32.06
CA GLU A 210 -2.31 -10.30 -31.41
C GLU A 210 -1.24 -11.27 -30.90
N GLU A 211 -0.23 -11.55 -31.74
CA GLU A 211 0.84 -12.44 -31.32
C GLU A 211 1.56 -11.85 -30.11
N ILE A 212 1.69 -10.53 -30.10
CA ILE A 212 2.37 -9.85 -29.00
C ILE A 212 1.54 -9.97 -27.73
N ARG A 213 0.22 -9.74 -27.84
CA ARG A 213 -0.67 -9.89 -26.69
C ARG A 213 -0.59 -11.29 -26.10
N LYS A 214 -0.66 -12.30 -26.97
CA LYS A 214 -0.64 -13.68 -26.50
C LYS A 214 0.71 -14.04 -25.89
N TRP A 215 1.81 -13.55 -26.47
CA TRP A 215 3.14 -13.79 -25.91
C TRP A 215 3.25 -13.22 -24.50
N ARG A 216 2.81 -11.97 -24.34
CA ARG A 216 2.84 -11.31 -23.04
C ARG A 216 2.00 -12.07 -22.01
N LEU A 217 0.84 -12.53 -22.44
CA LEU A 217 -0.04 -13.25 -21.53
C LEU A 217 0.60 -14.58 -21.12
N LYS A 218 1.14 -15.29 -22.10
CA LYS A 218 1.81 -16.56 -21.83
C LYS A 218 3.01 -16.39 -20.89
N GLN A 219 3.80 -15.34 -21.12
CA GLN A 219 4.91 -15.02 -20.22
C GLN A 219 4.45 -14.74 -18.78
N SER A 220 3.36 -13.99 -18.65
CA SER A 220 2.79 -13.68 -17.35
CA SER A 220 2.80 -13.68 -17.34
C SER A 220 2.37 -14.96 -16.62
N LEU A 221 1.70 -15.84 -17.34
CA LEU A 221 1.26 -17.11 -16.78
C LEU A 221 2.45 -17.97 -16.39
N GLN A 222 3.45 -18.02 -17.25
CA GLN A 222 4.66 -18.80 -16.97
C GLN A 222 5.40 -18.28 -15.73
N ARG A 223 5.59 -16.97 -15.68
CA ARG A 223 6.30 -16.37 -14.55
C ARG A 223 5.52 -16.54 -13.24
N THR A 224 4.20 -16.44 -13.30
CA THR A 224 3.39 -16.63 -12.11
C THR A 224 3.50 -18.08 -11.62
N TRP A 225 3.42 -19.02 -12.56
CA TRP A 225 3.54 -20.44 -12.23
C TRP A 225 4.89 -20.80 -11.61
N LEU A 226 5.97 -20.25 -12.16
CA LEU A 226 7.31 -20.56 -11.69
C LEU A 226 7.64 -19.90 -10.35
N ARG A 227 7.20 -18.65 -10.19
CA ARG A 227 7.60 -17.86 -9.02
C ARG A 227 6.61 -17.88 -7.87
N ARG A 228 5.33 -17.89 -8.22
CA ARG A 228 4.25 -17.77 -7.24
C ARG A 228 3.08 -18.69 -7.61
N PRO A 229 3.32 -20.00 -7.66
CA PRO A 229 2.29 -20.93 -8.13
C PRO A 229 1.01 -20.88 -7.32
N GLU A 230 1.09 -20.49 -6.04
CA GLU A 230 -0.10 -20.45 -5.19
C GLU A 230 -1.06 -19.36 -5.67
N LEU A 231 -0.54 -18.32 -6.29
CA LEU A 231 -1.39 -17.27 -6.86
C LEU A 231 -2.31 -17.81 -7.95
N LEU A 232 -1.80 -18.74 -8.76
CA LEU A 232 -2.60 -19.37 -9.81
C LEU A 232 -3.80 -20.12 -9.28
N GLU A 233 -3.62 -20.79 -8.14
CA GLU A 233 -4.68 -21.60 -7.56
C GLU A 233 -5.90 -20.75 -7.19
N GLY A 234 -5.68 -19.48 -6.93
CA GLY A 234 -6.75 -18.58 -6.53
C GLY A 234 -7.47 -17.95 -7.70
N LEU A 235 -7.06 -18.31 -8.92
CA LEU A 235 -7.67 -17.74 -10.11
C LEU A 235 -8.53 -18.77 -10.82
N ALA A 236 -9.59 -18.28 -11.46
CA ALA A 236 -10.34 -19.08 -12.42
C ALA A 236 -9.85 -18.66 -13.81
N LEU A 237 -8.88 -19.40 -14.33
CA LEU A 237 -8.30 -19.04 -15.63
C LEU A 237 -9.32 -19.13 -16.77
N THR A 238 -9.18 -18.23 -17.73
CA THR A 238 -9.97 -18.30 -18.95
C THR A 238 -9.50 -19.48 -19.80
N ASP A 239 -10.31 -19.88 -20.76
CA ASP A 239 -9.92 -20.91 -21.72
C ASP A 239 -8.57 -20.58 -22.34
N GLU A 240 -8.40 -19.34 -22.76
CA GLU A 240 -7.16 -18.92 -23.40
C GLU A 240 -6.00 -19.01 -22.42
N GLN A 241 -6.22 -18.59 -21.18
CA GLN A 241 -5.16 -18.66 -20.18
C GLN A 241 -4.77 -20.10 -19.86
N ARG A 242 -5.75 -21.01 -19.82
CA ARG A 242 -5.47 -22.42 -19.56
CA ARG A 242 -5.44 -22.41 -19.55
C ARG A 242 -4.56 -22.99 -20.65
N LYS A 243 -4.87 -22.64 -21.90
CA LYS A 243 -4.12 -23.09 -23.07
C LYS A 243 -2.68 -22.61 -23.06
N LEU A 244 -2.51 -21.30 -22.87
CA LEU A 244 -1.17 -20.73 -22.89
C LEU A 244 -0.33 -21.23 -21.71
N LEU A 245 -0.96 -21.41 -20.55
CA LEU A 245 -0.26 -21.96 -19.39
C LEU A 245 0.19 -23.40 -19.67
N LYS A 246 -0.69 -24.22 -20.23
CA LYS A 246 -0.30 -25.56 -20.66
C LYS A 246 0.87 -25.53 -21.63
N GLU A 247 0.84 -24.60 -22.58
CA GLU A 247 1.93 -24.47 -23.55
C GLU A 247 3.24 -24.15 -22.85
N ALA A 248 3.20 -23.17 -21.95
CA ALA A 248 4.39 -22.75 -21.22
C ALA A 248 4.97 -23.89 -20.37
N GLN A 249 4.09 -24.64 -19.72
CA GLN A 249 4.51 -25.77 -18.90
C GLN A 249 5.12 -26.88 -19.77
N ALA A 250 4.55 -27.10 -20.95
CA ALA A 250 5.06 -28.09 -21.87
C ALA A 250 6.46 -27.72 -22.35
N GLU A 251 6.66 -26.43 -22.63
CA GLU A 251 7.95 -25.95 -23.10
C GLU A 251 8.97 -26.02 -21.97
N HIS A 252 8.51 -25.83 -20.73
CA HIS A 252 9.40 -25.90 -19.58
C HIS A 252 9.93 -27.32 -19.39
N ASN A 253 9.08 -28.32 -19.65
CA ASN A 253 9.43 -29.72 -19.48
C ASN A 253 10.05 -30.33 -20.74
N SER A 254 10.44 -29.47 -21.67
CA SER A 254 11.04 -29.92 -22.92
C SER A 254 12.53 -29.59 -22.96
#